data_4ERS
#
_entry.id   4ERS
#
_cell.length_a   46.410
_cell.length_b   62.250
_cell.length_c   104.940
_cell.angle_alpha   90.000
_cell.angle_beta   93.910
_cell.angle_gamma   90.000
#
_symmetry.space_group_name_H-M   'P 1 21 1'
#
loop_
_entity.id
_entity.type
_entity.pdbx_description
1 polymer 'Fab light chain'
2 polymer 'Fab heavy chain'
3 polymer 'Glucagon receptor'
4 non-polymer 2-acetamido-2-deoxy-beta-D-glucopyranose
5 water water
#
loop_
_entity_poly.entity_id
_entity_poly.type
_entity_poly.pdbx_seq_one_letter_code
_entity_poly.pdbx_strand_id
1 'polypeptide(L)'
;DIQMTQSPSSLSASVGDRVTITCRASQGIRNDLGWYQQKPGKAPKRLIYAASSLESGVPSRFSGSGSGTEFTLTISSVQP
EDFVTYYCLQHNSNPLTFGGGTKVEIKRTVAAPSVFIFPPSDEQLKSGTASVVCLLNNFYPREAKVQWKVDNALQSGNSQ
ESVTEQDSKDSTYSLSSTLTLSKADYEKHKVYACEVTHQGLSSPVTKSFNRGEC
;
L
2 'polypeptide(L)'
;QVQLVESGGGVVQPGRSLRLSCAASGFTFSSYGMHWVRQAPGKGLEWVAVMYYDGSNKDYVDSVKGRFTISRDNSKNTLY
LQMNRLRAEDTAVYYCAREKDHYDILTGYNYYYGLDVWGQGTTVTVSSASTKGPSVFPLAPSSKSTSGGTAALGCLVKDY
FPEPVTVSWNSGALTSGVHTFPAVLQSSGLYSLSSVVTVPSSSLGTQTYICNVNHKPSNTKVDKKVEPKSC
;
H
3 'polypeptide(L)'
;VMDFLFEKWKLYGDQCHHNLSLLPPPTELVCNRTFDKYSCWPDTPANTTANISCPWYLPWHHKVQHRFVFKRCGPDGQWV
RGPRGQPWRDASQCQM
;
A
#
# COMPACT_ATOMS: atom_id res chain seq x y z
N ASP A 1 23.75 -7.80 -6.48
CA ASP A 1 22.55 -7.01 -6.23
C ASP A 1 22.00 -7.29 -4.84
N ILE A 2 22.14 -6.31 -3.95
CA ILE A 2 21.75 -6.48 -2.55
C ILE A 2 20.25 -6.34 -2.37
N GLN A 3 19.61 -7.41 -1.90
CA GLN A 3 18.18 -7.37 -1.58
C GLN A 3 17.97 -6.85 -0.17
N MET A 4 17.03 -5.91 -0.03
CA MET A 4 16.70 -5.35 1.27
C MET A 4 15.32 -5.83 1.73
N THR A 5 15.31 -6.86 2.55
CA THR A 5 14.05 -7.44 3.04
C THR A 5 13.55 -6.69 4.27
N GLN A 6 12.40 -6.04 4.13
CA GLN A 6 11.83 -5.24 5.22
C GLN A 6 10.57 -5.91 5.79
N SER A 7 10.43 -5.85 7.10
CA SER A 7 9.30 -6.48 7.78
C SER A 7 8.81 -5.65 8.96
N PRO A 8 7.47 -5.59 9.13
CA PRO A 8 6.52 -6.19 8.20
C PRO A 8 6.14 -5.22 7.09
N SER A 9 5.32 -5.66 6.15
CA SER A 9 4.81 -4.79 5.09
C SER A 9 3.91 -3.72 5.70
N SER A 10 3.05 -4.16 6.60
CA SER A 10 2.18 -3.26 7.36
C SER A 10 2.06 -3.80 8.78
N LEU A 11 1.97 -2.90 9.76
CA LEU A 11 1.84 -3.34 11.15
C LEU A 11 0.71 -2.64 11.89
N SER A 12 0.43 -3.14 13.09
CA SER A 12 -0.70 -2.67 13.89
C SER A 12 -0.22 -2.06 15.19
N ALA A 13 -0.60 -0.82 15.45
CA ALA A 13 -0.14 -0.13 16.66
C ALA A 13 -1.14 0.89 17.19
N SER A 14 -1.10 1.11 18.50
CA SER A 14 -1.89 2.15 19.15
C SER A 14 -0.94 3.25 19.62
N VAL A 15 -1.33 4.50 19.42
CA VAL A 15 -0.49 5.62 19.81
C VAL A 15 0.05 5.43 21.23
N GLY A 16 1.37 5.51 21.37
CA GLY A 16 2.01 5.27 22.66
C GLY A 16 2.70 3.93 22.70
N ASP A 17 2.33 3.03 21.79
CA ASP A 17 2.93 1.71 21.73
C ASP A 17 4.39 1.78 21.26
N ARG A 18 5.12 0.69 21.44
CA ARG A 18 6.46 0.56 20.90
C ARG A 18 6.39 -0.16 19.56
N VAL A 19 7.02 0.43 18.54
CA VAL A 19 7.00 -0.15 17.19
C VAL A 19 8.39 -0.58 16.75
N THR A 20 8.46 -1.71 16.06
CA THR A 20 9.73 -2.27 15.60
C THR A 20 9.67 -2.67 14.13
N ILE A 21 10.53 -2.07 13.31
CA ILE A 21 10.61 -2.39 11.89
C ILE A 21 12.00 -2.92 11.56
N THR A 22 12.06 -4.12 10.99
CA THR A 22 13.32 -4.80 10.72
C THR A 22 13.73 -4.75 9.25
N CYS A 23 15.03 -4.73 9.00
CA CYS A 23 15.56 -4.71 7.64
C CYS A 23 16.73 -5.68 7.54
N ARG A 24 16.60 -6.68 6.68
CA ARG A 24 17.65 -7.67 6.48
C ARG A 24 18.30 -7.54 5.11
N ALA A 25 19.60 -7.30 5.10
CA ALA A 25 20.34 -7.20 3.85
C ALA A 25 20.89 -8.55 3.43
N SER A 26 20.74 -8.88 2.14
CA SER A 26 21.20 -10.16 1.61
C SER A 26 22.72 -10.24 1.65
N GLN A 27 23.37 -9.07 1.65
CA GLN A 27 24.82 -9.00 1.69
C GLN A 27 25.25 -7.98 2.75
N GLY A 28 26.38 -8.25 3.40
CA GLY A 28 26.88 -7.36 4.45
C GLY A 28 27.06 -5.94 3.96
N ILE A 29 26.45 -4.99 4.67
CA ILE A 29 26.53 -3.58 4.28
C ILE A 29 27.03 -2.69 5.42
N ARG A 30 27.62 -3.30 6.43
CA ARG A 30 28.16 -2.57 7.57
C ARG A 30 27.10 -1.69 8.20
N ASN A 31 27.38 -0.40 8.31
CA ASN A 31 26.42 0.56 8.84
C ASN A 31 25.99 1.56 7.77
N ASP A 32 26.09 1.15 6.52
CA ASP A 32 25.73 2.01 5.39
C ASP A 32 24.23 1.98 5.13
N LEU A 33 23.44 1.78 6.17
CA LEU A 33 21.98 1.77 6.04
C LEU A 33 21.35 3.00 6.69
N GLY A 34 20.24 3.45 6.11
CA GLY A 34 19.51 4.58 6.64
C GLY A 34 18.01 4.36 6.54
N TRP A 35 17.26 4.96 7.47
CA TRP A 35 15.81 4.83 7.49
C TRP A 35 15.13 6.11 7.00
N TYR A 36 13.97 5.93 6.36
CA TYR A 36 13.23 7.06 5.79
C TYR A 36 11.74 7.05 6.15
N GLN A 37 11.19 8.24 6.32
CA GLN A 37 9.77 8.40 6.55
C GLN A 37 9.14 9.12 5.37
N GLN A 38 8.00 8.61 4.90
CA GLN A 38 7.28 9.28 3.81
C GLN A 38 5.81 9.48 4.15
N LYS A 39 5.42 10.74 4.28
CA LYS A 39 4.01 11.08 4.48
C LYS A 39 3.32 11.09 3.13
N PRO A 40 2.04 10.69 3.11
CA PRO A 40 1.28 10.63 1.86
C PRO A 40 1.35 11.94 1.07
N GLY A 41 1.75 11.84 -0.20
CA GLY A 41 1.77 13.00 -1.08
C GLY A 41 3.05 13.81 -1.01
N LYS A 42 3.97 13.40 -0.15
CA LYS A 42 5.23 14.14 0.00
C LYS A 42 6.45 13.25 -0.25
N ALA A 43 7.58 13.90 -0.53
CA ALA A 43 8.83 13.19 -0.78
C ALA A 43 9.42 12.63 0.52
N PRO A 44 10.16 11.52 0.41
CA PRO A 44 10.80 10.87 1.56
C PRO A 44 11.66 11.84 2.36
N LYS A 45 11.83 11.53 3.65
CA LYS A 45 12.57 12.38 4.57
C LYS A 45 13.33 11.51 5.55
N ARG A 46 14.66 11.58 5.52
CA ARG A 46 15.49 10.69 6.31
C ARG A 46 15.36 10.92 7.82
N LEU A 47 15.26 9.84 8.58
CA LEU A 47 15.21 9.92 10.03
C LEU A 47 16.50 9.40 10.65
N ILE A 48 16.94 8.23 10.20
CA ILE A 48 18.15 7.60 10.70
C ILE A 48 19.20 7.46 9.62
N TYR A 49 20.43 7.85 9.93
CA TYR A 49 21.55 7.65 9.01
C TYR A 49 22.66 6.93 9.73
N ALA A 50 23.53 6.27 8.98
CA ALA A 50 24.62 5.49 9.56
C ALA A 50 24.05 4.40 10.46
N ALA A 51 22.81 4.01 10.18
CA ALA A 51 22.13 2.97 10.96
C ALA A 51 21.73 3.46 12.35
N SER A 52 22.72 3.88 13.14
CA SER A 52 22.49 4.23 14.55
C SER A 52 22.36 5.72 14.86
N SER A 53 22.44 6.59 13.85
CA SER A 53 22.43 8.03 14.11
C SER A 53 21.07 8.66 13.82
N LEU A 54 20.73 9.69 14.59
CA LEU A 54 19.46 10.39 14.44
C LEU A 54 19.64 11.71 13.70
N GLU A 55 18.88 11.90 12.63
CA GLU A 55 18.95 13.14 11.86
C GLU A 55 18.57 14.34 12.73
N SER A 56 19.14 15.50 12.43
CA SER A 56 18.90 16.71 13.22
C SER A 56 17.47 17.19 13.11
N GLY A 57 16.80 17.34 14.24
CA GLY A 57 15.44 17.84 14.27
C GLY A 57 14.39 16.76 14.22
N VAL A 58 14.77 15.54 14.57
CA VAL A 58 13.84 14.40 14.58
C VAL A 58 13.61 13.94 16.01
N PRO A 59 12.34 13.64 16.36
CA PRO A 59 11.97 13.19 17.70
C PRO A 59 12.93 12.14 18.26
N SER A 60 13.11 12.15 19.58
CA SER A 60 14.02 11.21 20.22
C SER A 60 13.39 9.83 20.40
N ARG A 61 12.17 9.67 19.91
CA ARG A 61 11.48 8.39 20.00
C ARG A 61 11.89 7.47 18.85
N PHE A 62 12.47 8.07 17.81
CA PHE A 62 12.98 7.31 16.68
C PHE A 62 14.43 6.90 16.94
N SER A 63 14.71 5.61 16.80
CA SER A 63 16.06 5.10 16.96
C SER A 63 16.30 3.87 16.11
N GLY A 64 17.44 3.86 15.43
CA GLY A 64 17.84 2.70 14.63
C GLY A 64 18.99 1.97 15.30
N SER A 65 19.17 0.70 14.93
CA SER A 65 20.25 -0.10 15.50
C SER A 65 20.63 -1.23 14.56
N GLY A 66 21.70 -1.95 14.91
CA GLY A 66 22.15 -3.08 14.13
C GLY A 66 23.24 -2.72 13.14
N SER A 67 23.93 -3.73 12.64
CA SER A 67 24.99 -3.54 11.66
C SER A 67 25.26 -4.83 10.90
N GLY A 68 25.82 -4.70 9.71
CA GLY A 68 26.10 -5.86 8.89
C GLY A 68 24.91 -6.29 8.05
N THR A 69 24.19 -7.29 8.55
CA THR A 69 23.09 -7.87 7.78
C THR A 69 21.72 -7.61 8.42
N GLU A 70 21.72 -7.30 9.72
CA GLU A 70 20.46 -7.10 10.44
C GLU A 70 20.31 -5.69 10.98
N PHE A 71 19.15 -5.08 10.70
CA PHE A 71 18.87 -3.73 11.16
C PHE A 71 17.44 -3.61 11.71
N THR A 72 17.24 -2.67 12.62
CA THR A 72 15.95 -2.48 13.25
C THR A 72 15.63 -1.00 13.45
N LEU A 73 14.41 -0.61 13.12
CA LEU A 73 13.93 0.74 13.38
C LEU A 73 12.92 0.68 14.52
N THR A 74 13.08 1.57 15.49
CA THR A 74 12.24 1.55 16.68
C THR A 74 11.60 2.89 16.99
N ILE A 75 10.32 2.85 17.34
CA ILE A 75 9.61 4.02 17.86
C ILE A 75 9.09 3.67 19.24
N SER A 76 9.72 4.20 20.28
CA SER A 76 9.39 3.84 21.66
C SER A 76 7.92 4.05 21.98
N SER A 77 7.33 5.14 21.47
CA SER A 77 5.91 5.39 21.67
C SER A 77 5.32 6.08 20.45
N VAL A 78 4.63 5.31 19.61
CA VAL A 78 4.07 5.84 18.37
C VAL A 78 3.21 7.08 18.62
N GLN A 79 3.34 8.05 17.73
CA GLN A 79 2.58 9.29 17.82
C GLN A 79 1.63 9.41 16.63
N PRO A 80 0.53 10.16 16.81
CA PRO A 80 -0.52 10.29 15.78
C PRO A 80 0.01 10.65 14.39
N GLU A 81 1.11 11.38 14.32
CA GLU A 81 1.67 11.78 13.03
C GLU A 81 2.68 10.77 12.50
N ASP A 82 3.03 9.79 13.33
CA ASP A 82 4.00 8.78 12.95
C ASP A 82 3.39 7.67 12.10
N PHE A 83 2.06 7.65 12.03
CA PHE A 83 1.36 6.61 11.29
C PHE A 83 1.43 6.84 9.77
N VAL A 84 2.53 6.40 9.18
CA VAL A 84 2.86 6.67 7.80
C VAL A 84 3.84 5.59 7.36
N THR A 85 4.34 5.69 6.13
CA THR A 85 5.18 4.66 5.52
C THR A 85 6.65 4.91 5.81
N TYR A 86 7.41 3.84 5.97
CA TYR A 86 8.84 3.93 6.26
C TYR A 86 9.66 3.03 5.35
N TYR A 87 10.80 3.54 4.88
CA TYR A 87 11.69 2.78 4.00
C TYR A 87 13.11 2.76 4.53
N CYS A 88 13.79 1.63 4.34
CA CYS A 88 15.21 1.54 4.64
C CYS A 88 16.00 1.60 3.34
N LEU A 89 17.16 2.22 3.37
CA LEU A 89 17.97 2.37 2.17
C LEU A 89 19.43 1.96 2.41
N GLN A 90 19.94 1.12 1.52
CA GLN A 90 21.34 0.69 1.56
C GLN A 90 22.15 1.46 0.53
N HIS A 91 23.20 2.13 0.98
CA HIS A 91 24.05 2.87 0.07
C HIS A 91 25.46 2.30 0.04
N ASN A 92 25.56 1.01 0.35
CA ASN A 92 26.84 0.32 0.41
C ASN A 92 27.40 0.00 -0.97
N SER A 93 26.60 -0.65 -1.80
CA SER A 93 27.03 -1.01 -3.15
C SER A 93 26.02 -0.49 -4.15
N ASN A 94 26.43 -0.36 -5.41
CA ASN A 94 25.49 -0.12 -6.51
C ASN A 94 24.91 -1.46 -6.98
N PRO A 95 23.61 -1.54 -7.26
CA PRO A 95 22.65 -0.42 -7.15
C PRO A 95 22.17 -0.13 -5.74
N LEU A 96 21.59 1.05 -5.53
CA LEU A 96 21.14 1.48 -4.24
C LEU A 96 19.80 0.82 -4.16
N THR A 97 19.56 0.18 -3.04
CA THR A 97 18.38 -0.60 -2.85
C THR A 97 17.58 -0.28 -1.59
N PHE A 98 16.27 -0.18 -1.76
CA PHE A 98 15.33 0.16 -0.70
C PHE A 98 14.57 -1.07 -0.26
N GLY A 99 14.06 -1.07 0.97
CA GLY A 99 13.20 -2.12 1.47
C GLY A 99 11.81 -1.96 0.87
N GLY A 100 10.98 -2.99 1.00
CA GLY A 100 9.64 -2.95 0.45
C GLY A 100 8.80 -1.83 1.04
N GLY A 101 9.14 -1.43 2.26
CA GLY A 101 8.42 -0.39 2.95
C GLY A 101 7.50 -0.93 4.01
N THR A 102 7.19 -0.10 5.01
CA THR A 102 6.29 -0.51 6.08
C THR A 102 5.23 0.57 6.34
N LYS A 103 3.97 0.19 6.24
CA LYS A 103 2.90 1.15 6.51
C LYS A 103 2.40 0.93 7.90
N VAL A 104 2.51 1.97 8.69
CA VAL A 104 2.03 1.95 10.07
C VAL A 104 0.64 2.53 10.20
N GLU A 105 -0.32 1.69 10.53
CA GLU A 105 -1.68 2.15 10.68
C GLU A 105 -2.19 2.05 12.12
N ILE A 106 -2.95 3.06 12.54
CA ILE A 106 -3.51 3.10 13.87
C ILE A 106 -4.61 2.04 14.01
N LYS A 107 -4.53 1.29 15.10
CA LYS A 107 -5.39 0.18 15.46
C LYS A 107 -6.68 0.54 16.20
N ARG A 108 -7.79 -0.11 15.88
CA ARG A 108 -9.03 0.12 16.62
C ARG A 108 -9.80 -1.18 16.76
N THR A 109 -11.04 -1.06 17.22
CA THR A 109 -11.92 -2.22 17.30
C THR A 109 -12.41 -2.59 15.91
N VAL A 110 -12.87 -3.82 15.75
CA VAL A 110 -13.39 -4.28 14.47
C VAL A 110 -14.63 -3.49 14.08
N ALA A 111 -14.82 -3.27 12.79
CA ALA A 111 -15.99 -2.53 12.32
C ALA A 111 -16.48 -3.09 11.00
N ALA A 112 -17.66 -3.71 11.03
CA ALA A 112 -18.28 -4.22 9.83
C ALA A 112 -18.64 -3.08 8.90
N PRO A 113 -18.49 -3.28 7.59
CA PRO A 113 -18.82 -2.24 6.61
C PRO A 113 -20.31 -2.16 6.34
N SER A 114 -20.82 -0.95 6.17
CA SER A 114 -22.18 -0.76 5.67
C SER A 114 -22.11 -0.79 4.15
N VAL A 115 -22.79 -1.76 3.54
CA VAL A 115 -22.69 -1.97 2.11
C VAL A 115 -23.87 -1.35 1.34
N PHE A 116 -23.55 -0.70 0.22
CA PHE A 116 -24.56 -0.11 -0.64
C PHE A 116 -24.26 -0.46 -2.10
N ILE A 117 -25.31 -0.67 -2.89
CA ILE A 117 -25.12 -0.98 -4.31
C ILE A 117 -25.90 0.00 -5.19
N PHE A 118 -25.23 0.51 -6.22
CA PHE A 118 -25.83 1.49 -7.12
C PHE A 118 -25.88 0.97 -8.54
N PRO A 119 -27.09 0.84 -9.09
CA PRO A 119 -27.29 0.47 -10.49
C PRO A 119 -26.83 1.60 -11.41
N PRO A 120 -26.61 1.29 -12.70
CA PRO A 120 -26.20 2.30 -13.68
C PRO A 120 -27.18 3.46 -13.75
N SER A 121 -26.68 4.66 -14.01
CA SER A 121 -27.54 5.84 -14.15
C SER A 121 -28.09 5.94 -15.57
N ASP A 122 -29.38 6.21 -15.68
CA ASP A 122 -30.04 6.33 -16.97
C ASP A 122 -29.22 7.12 -17.98
N GLU A 123 -28.65 8.24 -17.53
CA GLU A 123 -27.83 9.08 -18.40
C GLU A 123 -26.64 8.31 -18.97
N GLN A 124 -26.12 7.35 -18.21
CA GLN A 124 -24.98 6.56 -18.68
C GLN A 124 -25.41 5.54 -19.74
N LEU A 125 -26.45 4.77 -19.43
CA LEU A 125 -26.97 3.77 -20.36
C LEU A 125 -27.11 4.34 -21.78
N LYS A 126 -27.43 5.62 -21.85
CA LYS A 126 -27.59 6.29 -23.14
C LYS A 126 -26.30 6.27 -23.94
N SER A 127 -25.18 6.06 -23.25
CA SER A 127 -23.87 6.05 -23.90
C SER A 127 -23.53 4.68 -24.46
N GLY A 128 -24.06 3.63 -23.84
CA GLY A 128 -23.84 2.28 -24.31
C GLY A 128 -23.09 1.40 -23.33
N THR A 129 -22.74 1.96 -22.18
CA THR A 129 -22.04 1.20 -21.15
C THR A 129 -22.74 1.33 -19.81
N ALA A 130 -22.55 0.36 -18.92
CA ALA A 130 -23.20 0.36 -17.63
C ALA A 130 -22.23 0.01 -16.50
N SER A 131 -22.08 0.93 -15.55
CA SER A 131 -21.22 0.72 -14.39
C SER A 131 -22.05 0.53 -13.13
N VAL A 132 -21.87 -0.62 -12.48
CA VAL A 132 -22.56 -0.90 -11.23
C VAL A 132 -21.56 -0.82 -10.07
N VAL A 133 -21.77 0.14 -9.17
CA VAL A 133 -20.81 0.37 -8.09
C VAL A 133 -21.28 -0.16 -6.74
N CYS A 134 -20.33 -0.63 -5.94
CA CYS A 134 -20.62 -1.16 -4.62
C CYS A 134 -19.75 -0.48 -3.57
N LEU A 135 -20.40 0.05 -2.54
CA LEU A 135 -19.67 0.78 -1.51
C LEU A 135 -19.64 0.03 -0.19
N LEU A 136 -18.43 -0.19 0.30
CA LEU A 136 -18.22 -0.70 1.65
C LEU A 136 -17.74 0.45 2.52
N ASN A 137 -18.60 0.92 3.42
CA ASN A 137 -18.35 2.16 4.14
C ASN A 137 -17.87 1.99 5.59
N ASN A 138 -16.79 2.70 5.92
CA ASN A 138 -16.24 2.72 7.28
C ASN A 138 -16.15 1.34 7.93
N PHE A 139 -15.26 0.51 7.42
CA PHE A 139 -15.04 -0.82 7.98
C PHE A 139 -13.63 -0.97 8.52
N TYR A 140 -13.34 -2.16 9.06
CA TYR A 140 -12.02 -2.43 9.63
C TYR A 140 -11.92 -3.88 10.08
N PRO A 141 -10.76 -4.52 9.85
CA PRO A 141 -9.55 -3.94 9.26
C PRO A 141 -9.65 -3.84 7.73
N ARG A 142 -8.59 -3.45 7.08
CA ARG A 142 -8.63 -3.19 5.67
C ARG A 142 -9.02 -4.43 4.88
N GLU A 143 -8.58 -5.58 5.34
CA GLU A 143 -8.88 -6.83 4.65
C GLU A 143 -10.36 -6.98 4.36
N ALA A 144 -10.70 -7.07 3.08
CA ALA A 144 -12.10 -7.20 2.67
C ALA A 144 -12.20 -7.99 1.37
N LYS A 145 -13.33 -8.67 1.18
CA LYS A 145 -13.54 -9.49 0.00
C LYS A 145 -14.85 -9.15 -0.70
N VAL A 146 -14.75 -8.58 -1.89
CA VAL A 146 -15.93 -8.18 -2.65
C VAL A 146 -16.14 -9.09 -3.85
N GLN A 147 -17.37 -9.53 -4.07
CA GLN A 147 -17.68 -10.45 -5.15
C GLN A 147 -18.92 -10.02 -5.93
N TRP A 148 -18.82 -10.04 -7.26
CA TRP A 148 -19.94 -9.70 -8.12
C TRP A 148 -20.60 -10.93 -8.71
N LYS A 149 -21.92 -10.86 -8.86
CA LYS A 149 -22.69 -11.95 -9.44
C LYS A 149 -23.83 -11.42 -10.30
N VAL A 150 -23.92 -11.89 -11.53
CA VAL A 150 -25.10 -11.61 -12.35
C VAL A 150 -25.77 -12.93 -12.72
N ASP A 151 -27.03 -13.08 -12.32
CA ASP A 151 -27.71 -14.37 -12.40
C ASP A 151 -26.96 -15.38 -11.54
N ASN A 152 -26.47 -14.89 -10.40
CA ASN A 152 -25.66 -15.70 -9.48
C ASN A 152 -24.46 -16.32 -10.17
N ALA A 153 -24.02 -15.70 -11.26
CA ALA A 153 -22.83 -16.14 -11.97
C ALA A 153 -21.63 -15.27 -11.59
N LEU A 154 -20.75 -15.84 -10.77
CA LEU A 154 -19.59 -15.10 -10.26
C LEU A 154 -18.81 -14.43 -11.39
N GLN A 155 -18.66 -13.11 -11.29
CA GLN A 155 -17.97 -12.35 -12.31
C GLN A 155 -16.48 -12.19 -12.00
N SER A 156 -15.66 -12.17 -13.04
CA SER A 156 -14.22 -12.02 -12.87
C SER A 156 -13.58 -11.32 -14.06
N GLY A 157 -12.86 -10.24 -13.78
CA GLY A 157 -12.14 -9.52 -14.80
C GLY A 157 -12.85 -8.26 -15.30
N ASN A 158 -14.10 -8.10 -14.87
CA ASN A 158 -14.89 -6.95 -15.32
C ASN A 158 -15.16 -5.92 -14.23
N SER A 159 -14.41 -6.00 -13.14
CA SER A 159 -14.56 -5.03 -12.05
C SER A 159 -13.19 -4.54 -11.57
N GLN A 160 -13.22 -3.43 -10.84
CA GLN A 160 -12.00 -2.85 -10.28
C GLN A 160 -12.26 -2.31 -8.88
N GLU A 161 -11.24 -2.34 -8.03
CA GLU A 161 -11.39 -1.87 -6.66
C GLU A 161 -10.58 -0.60 -6.39
N SER A 162 -10.91 0.04 -5.28
CA SER A 162 -10.19 1.22 -4.81
C SER A 162 -10.49 1.43 -3.33
N VAL A 163 -9.45 1.66 -2.54
CA VAL A 163 -9.62 1.81 -1.09
C VAL A 163 -9.03 3.13 -0.61
N THR A 164 -9.72 3.76 0.34
CA THR A 164 -9.31 5.05 0.87
C THR A 164 -8.27 4.90 1.97
N GLU A 165 -7.49 5.95 2.21
CA GLU A 165 -6.55 5.98 3.32
C GLU A 165 -7.33 5.91 4.62
N GLN A 166 -6.68 5.44 5.67
CA GLN A 166 -7.33 5.33 6.97
C GLN A 166 -7.87 6.68 7.42
N ASP A 167 -9.13 6.71 7.81
CA ASP A 167 -9.79 7.95 8.23
C ASP A 167 -9.14 8.50 9.49
N SER A 168 -8.91 9.81 9.49
CA SER A 168 -8.33 10.47 10.66
C SER A 168 -9.31 10.45 11.82
N LYS A 169 -10.61 10.61 11.50
CA LYS A 169 -11.72 10.61 12.48
C LYS A 169 -12.17 9.33 13.24
N ASP A 170 -12.32 8.21 12.54
CA ASP A 170 -12.65 6.93 13.15
C ASP A 170 -11.63 5.82 12.87
N SER A 171 -10.66 6.11 12.00
CA SER A 171 -9.61 5.16 11.67
C SER A 171 -10.17 3.93 10.97
N THR A 172 -11.15 4.14 10.10
CA THR A 172 -11.77 3.03 9.37
C THR A 172 -11.42 3.10 7.89
N TYR A 173 -11.84 2.09 7.15
CA TYR A 173 -11.60 2.03 5.71
C TYR A 173 -12.90 1.96 4.92
N SER A 174 -12.85 2.42 3.68
CA SER A 174 -13.98 2.33 2.78
C SER A 174 -13.48 2.02 1.38
N LEU A 175 -14.16 1.13 0.67
CA LEU A 175 -13.75 0.80 -0.69
C LEU A 175 -14.88 0.88 -1.69
N SER A 176 -14.55 1.26 -2.92
CA SER A 176 -15.50 1.31 -4.00
C SER A 176 -15.14 0.27 -5.05
N SER A 177 -16.13 -0.48 -5.52
CA SER A 177 -15.89 -1.50 -6.53
C SER A 177 -16.81 -1.30 -7.73
N THR A 178 -16.23 -0.97 -8.88
CA THR A 178 -17.01 -0.68 -10.08
C THR A 178 -17.03 -1.85 -11.05
N LEU A 179 -18.17 -2.54 -11.10
CA LEU A 179 -18.40 -3.58 -12.10
C LEU A 179 -18.87 -2.92 -13.40
N THR A 180 -18.08 -3.07 -14.46
CA THR A 180 -18.37 -2.40 -15.72
C THR A 180 -18.63 -3.40 -16.85
N LEU A 181 -19.59 -3.05 -17.71
CA LEU A 181 -19.92 -3.88 -18.87
C LEU A 181 -20.73 -3.09 -19.89
N SER A 182 -21.02 -3.70 -21.03
CA SER A 182 -21.72 -3.04 -22.11
C SER A 182 -23.23 -3.00 -21.90
N LYS A 183 -23.88 -2.03 -22.52
CA LYS A 183 -25.34 -1.89 -22.46
C LYS A 183 -26.02 -3.19 -22.88
N ALA A 184 -25.38 -3.91 -23.78
CA ALA A 184 -25.93 -5.17 -24.29
C ALA A 184 -25.93 -6.25 -23.20
N ASP A 185 -24.75 -6.56 -22.69
CA ASP A 185 -24.59 -7.57 -21.65
C ASP A 185 -25.48 -7.25 -20.45
N TYR A 186 -25.63 -5.96 -20.17
CA TYR A 186 -26.40 -5.51 -19.02
C TYR A 186 -27.89 -5.78 -19.17
N GLU A 187 -28.36 -5.88 -20.41
CA GLU A 187 -29.79 -5.99 -20.67
C GLU A 187 -30.26 -7.38 -21.09
N LYS A 188 -29.37 -8.36 -21.04
CA LYS A 188 -29.77 -9.75 -21.27
C LYS A 188 -29.62 -10.58 -20.00
N HIS A 189 -28.89 -10.04 -19.04
CA HIS A 189 -28.72 -10.69 -17.74
C HIS A 189 -29.83 -10.25 -16.78
N LYS A 190 -29.92 -10.91 -15.62
CA LYS A 190 -31.10 -10.79 -14.79
C LYS A 190 -30.90 -10.14 -13.41
N VAL A 191 -30.05 -10.74 -12.57
CA VAL A 191 -29.87 -10.21 -11.22
C VAL A 191 -28.42 -9.83 -10.91
N TYR A 192 -28.24 -8.61 -10.42
CA TYR A 192 -26.90 -8.10 -10.11
C TYR A 192 -26.67 -8.02 -8.61
N ALA A 193 -25.68 -8.78 -8.13
CA ALA A 193 -25.44 -8.91 -6.70
C ALA A 193 -24.02 -8.53 -6.29
N CYS A 194 -23.91 -7.81 -5.17
CA CYS A 194 -22.63 -7.45 -4.60
C CYS A 194 -22.42 -8.21 -3.30
N GLU A 195 -21.51 -9.17 -3.32
CA GLU A 195 -21.26 -10.00 -2.15
C GLU A 195 -20.01 -9.55 -1.41
N VAL A 196 -20.17 -9.21 -0.13
CA VAL A 196 -19.05 -8.76 0.69
C VAL A 196 -18.66 -9.80 1.74
N THR A 197 -17.39 -10.16 1.76
CA THR A 197 -16.86 -11.06 2.79
C THR A 197 -15.88 -10.30 3.68
N HIS A 198 -16.18 -10.26 4.98
CA HIS A 198 -15.36 -9.49 5.91
C HIS A 198 -15.27 -10.18 7.27
N GLN A 199 -14.41 -9.66 8.14
CA GLN A 199 -14.22 -10.22 9.47
C GLN A 199 -15.34 -9.81 10.42
N GLY A 200 -15.65 -8.52 10.45
CA GLY A 200 -16.73 -8.00 11.27
C GLY A 200 -18.07 -8.59 10.91
N LEU A 201 -18.10 -9.38 9.84
CA LEU A 201 -19.31 -10.08 9.42
C LEU A 201 -19.30 -11.54 9.87
N SER A 202 -20.24 -11.90 10.74
CA SER A 202 -20.38 -13.28 11.17
C SER A 202 -21.02 -14.11 10.06
N SER A 203 -21.24 -13.45 8.92
CA SER A 203 -21.83 -14.10 7.76
C SER A 203 -21.77 -13.15 6.55
N PRO A 204 -21.31 -13.66 5.41
CA PRO A 204 -21.17 -12.87 4.18
C PRO A 204 -22.46 -12.14 3.79
N VAL A 205 -22.35 -10.84 3.53
CA VAL A 205 -23.50 -10.04 3.15
C VAL A 205 -23.62 -9.93 1.63
N THR A 206 -24.84 -9.97 1.12
CA THR A 206 -25.08 -9.86 -0.31
C THR A 206 -26.24 -8.90 -0.59
N LYS A 207 -25.94 -7.79 -1.27
CA LYS A 207 -26.96 -6.80 -1.59
C LYS A 207 -27.26 -6.81 -3.08
N SER A 208 -28.48 -7.23 -3.42
CA SER A 208 -28.85 -7.40 -4.82
C SER A 208 -29.99 -6.48 -5.25
N PHE A 209 -29.77 -5.76 -6.35
CA PHE A 209 -30.83 -5.02 -7.02
C PHE A 209 -31.11 -5.76 -8.33
N ASN A 210 -32.30 -5.58 -8.89
CA ASN A 210 -32.67 -6.36 -10.08
C ASN A 210 -33.07 -5.57 -11.34
N ARG A 211 -32.11 -5.39 -12.25
CA ARG A 211 -32.36 -4.98 -13.63
C ARG A 211 -33.20 -3.74 -13.89
N GLY A 212 -33.38 -2.88 -12.90
CA GLY A 212 -34.20 -1.70 -13.11
C GLY A 212 -33.70 -0.46 -12.40
N GLU A 213 -34.43 0.63 -12.55
CA GLU A 213 -34.17 1.84 -11.79
C GLU A 213 -34.10 1.45 -10.32
N CYS A 214 -34.71 0.31 -10.01
CA CYS A 214 -34.69 -0.25 -8.66
C CYS A 214 -33.27 -0.31 -8.12
N GLN B 1 17.72 26.83 3.75
CA GLN B 1 17.64 27.39 2.41
C GLN B 1 18.17 26.39 1.37
N VAL B 2 18.58 25.23 1.85
CA VAL B 2 19.04 24.15 0.96
C VAL B 2 17.85 23.40 0.39
N GLN B 3 17.68 23.45 -0.93
CA GLN B 3 16.51 22.84 -1.56
C GLN B 3 16.79 22.21 -2.92
N LEU B 4 15.93 21.27 -3.29
CA LEU B 4 15.97 20.63 -4.60
C LEU B 4 14.60 20.75 -5.27
N VAL B 5 14.59 21.11 -6.54
CA VAL B 5 13.34 21.24 -7.29
C VAL B 5 13.42 20.53 -8.64
N GLU B 6 12.58 19.53 -8.83
CA GLU B 6 12.53 18.79 -10.09
C GLU B 6 11.35 19.25 -10.95
N SER B 7 11.61 19.45 -12.24
CA SER B 7 10.56 19.86 -13.17
C SER B 7 10.73 19.15 -14.52
N GLY B 8 9.80 19.39 -15.44
CA GLY B 8 9.85 18.78 -16.75
C GLY B 8 8.91 17.59 -16.91
N GLY B 9 8.25 17.22 -15.82
CA GLY B 9 7.31 16.10 -15.85
C GLY B 9 6.07 16.40 -16.66
N GLY B 10 5.36 15.35 -17.06
CA GLY B 10 4.13 15.49 -17.82
C GLY B 10 3.72 14.18 -18.47
N VAL B 11 2.88 14.27 -19.50
CA VAL B 11 2.43 13.09 -20.23
C VAL B 11 3.20 12.92 -21.53
N VAL B 12 3.70 11.71 -21.76
CA VAL B 12 4.46 11.41 -22.97
C VAL B 12 4.19 9.98 -23.42
N GLN B 13 4.10 9.77 -24.73
CA GLN B 13 3.76 8.48 -25.29
C GLN B 13 4.98 7.53 -25.33
N PRO B 14 4.75 6.23 -25.14
CA PRO B 14 5.81 5.22 -25.15
C PRO B 14 6.59 5.23 -26.46
N GLY B 15 7.92 5.20 -26.35
CA GLY B 15 8.79 5.26 -27.51
C GLY B 15 9.45 6.62 -27.65
N ARG B 16 8.71 7.67 -27.32
CA ARG B 16 9.25 9.02 -27.34
C ARG B 16 10.11 9.29 -26.11
N SER B 17 10.88 10.37 -26.15
CA SER B 17 11.82 10.67 -25.07
C SER B 17 11.51 11.96 -24.34
N LEU B 18 11.92 12.04 -23.08
CA LEU B 18 11.66 13.19 -22.24
C LEU B 18 12.93 13.59 -21.49
N ARG B 19 13.03 14.86 -21.13
CA ARG B 19 14.16 15.32 -20.34
C ARG B 19 13.71 15.98 -19.03
N LEU B 20 14.25 15.50 -17.92
CA LEU B 20 13.95 16.07 -16.60
C LEU B 20 15.08 16.96 -16.13
N SER B 21 14.74 17.94 -15.29
CA SER B 21 15.73 18.84 -14.73
C SER B 21 15.59 18.95 -13.21
N CYS B 22 16.69 19.22 -12.53
CA CYS B 22 16.70 19.33 -11.08
C CYS B 22 17.57 20.50 -10.64
N ALA B 23 16.93 21.56 -10.18
CA ALA B 23 17.64 22.76 -9.75
C ALA B 23 17.98 22.73 -8.26
N ALA B 24 19.19 23.14 -7.92
CA ALA B 24 19.65 23.13 -6.54
C ALA B 24 20.03 24.52 -6.05
N SER B 25 19.86 24.75 -4.75
CA SER B 25 20.27 26.00 -4.12
C SER B 25 20.45 25.80 -2.62
N GLY B 26 21.13 26.75 -1.98
CA GLY B 26 21.35 26.67 -0.55
C GLY B 26 22.62 25.93 -0.18
N PHE B 27 23.19 25.21 -1.15
CA PHE B 27 24.44 24.49 -0.91
C PHE B 27 25.36 24.53 -2.13
N THR B 28 26.60 24.11 -1.96
CA THR B 28 27.57 24.07 -3.05
C THR B 28 27.33 22.83 -3.91
N PHE B 29 26.68 23.03 -5.06
CA PHE B 29 26.25 21.94 -5.93
C PHE B 29 27.38 21.03 -6.39
N SER B 30 28.54 21.62 -6.69
CA SER B 30 29.66 20.88 -7.26
C SER B 30 30.22 19.82 -6.33
N SER B 31 30.00 19.99 -5.03
CA SER B 31 30.67 19.17 -4.03
C SER B 31 29.89 17.93 -3.61
N TYR B 32 28.79 17.63 -4.30
CA TYR B 32 27.96 16.49 -3.92
C TYR B 32 27.62 15.58 -5.10
N GLY B 33 27.41 14.30 -4.80
CA GLY B 33 26.91 13.36 -5.78
C GLY B 33 25.40 13.46 -5.82
N MET B 34 24.84 13.40 -7.03
CA MET B 34 23.40 13.55 -7.21
C MET B 34 22.75 12.25 -7.70
N HIS B 35 21.57 11.96 -7.16
CA HIS B 35 20.85 10.75 -7.53
C HIS B 35 19.48 11.09 -8.12
N TRP B 36 18.94 10.14 -8.88
CA TRP B 36 17.52 10.18 -9.24
C TRP B 36 16.85 8.98 -8.58
N VAL B 37 15.71 9.22 -7.95
CA VAL B 37 14.91 8.14 -7.40
C VAL B 37 13.48 8.31 -7.90
N ARG B 38 12.84 7.18 -8.21
CA ARG B 38 11.46 7.24 -8.70
C ARG B 38 10.52 6.35 -7.89
N GLN B 39 9.23 6.58 -8.04
CA GLN B 39 8.21 5.80 -7.33
C GLN B 39 6.94 5.66 -8.17
N ALA B 40 6.68 4.44 -8.63
CA ALA B 40 5.48 4.16 -9.39
C ALA B 40 4.24 4.45 -8.56
N PRO B 41 3.15 4.88 -9.23
CA PRO B 41 1.89 5.34 -8.61
C PRO B 41 1.55 4.69 -7.27
N GLY B 42 1.52 3.36 -7.22
CA GLY B 42 1.14 2.67 -6.00
C GLY B 42 2.22 1.79 -5.41
N LYS B 43 3.46 1.98 -5.85
CA LYS B 43 4.57 1.13 -5.43
C LYS B 43 5.56 1.85 -4.52
N GLY B 44 6.63 1.15 -4.17
CA GLY B 44 7.63 1.67 -3.27
C GLY B 44 8.72 2.47 -3.97
N LEU B 45 9.84 2.67 -3.29
CA LEU B 45 10.93 3.48 -3.82
C LEU B 45 11.91 2.65 -4.64
N GLU B 46 12.43 3.24 -5.70
CA GLU B 46 13.40 2.58 -6.56
C GLU B 46 14.49 3.54 -7.02
N TRP B 47 15.74 3.14 -6.80
CA TRP B 47 16.89 3.91 -7.26
C TRP B 47 17.06 3.73 -8.77
N VAL B 48 17.34 4.82 -9.47
CA VAL B 48 17.47 4.77 -10.93
C VAL B 48 18.86 5.17 -11.46
N ALA B 49 19.39 6.29 -10.99
CA ALA B 49 20.68 6.77 -11.51
C ALA B 49 21.48 7.61 -10.52
N VAL B 50 22.77 7.80 -10.81
CA VAL B 50 23.70 8.57 -9.97
C VAL B 50 24.91 9.14 -10.69
N MET B 51 25.12 10.44 -10.62
CA MET B 51 26.41 11.06 -10.99
C MET B 51 27.04 11.70 -9.72
N TYR B 52 28.36 11.74 -9.84
CA TYR B 52 29.31 12.50 -9.04
C TYR B 52 29.88 13.65 -9.87
N TYR B 53 30.99 14.21 -9.42
CA TYR B 53 31.64 15.39 -10.00
C TYR B 53 32.21 15.24 -11.40
N ASP B 54 32.72 14.02 -11.65
CA ASP B 54 33.73 13.68 -12.67
C ASP B 54 33.58 13.77 -14.22
N GLY B 55 32.50 13.31 -14.85
CA GLY B 55 31.44 12.52 -14.31
C GLY B 55 31.93 11.33 -15.05
N SER B 56 32.66 10.52 -14.31
CA SER B 56 33.28 9.33 -14.84
C SER B 56 32.67 8.19 -14.09
N ASN B 57 31.74 8.51 -13.24
CA ASN B 57 31.17 7.55 -12.37
C ASN B 57 29.68 7.68 -12.46
N LYS B 58 29.10 7.24 -13.55
CA LYS B 58 27.64 7.23 -13.67
C LYS B 58 27.15 5.80 -13.61
N ASP B 59 26.16 5.54 -12.76
CA ASP B 59 25.56 4.22 -12.71
C ASP B 59 24.04 4.30 -12.82
N TYR B 60 23.45 3.23 -13.36
CA TYR B 60 22.00 3.20 -13.58
C TYR B 60 21.43 1.88 -13.09
N VAL B 61 20.17 1.90 -12.66
CA VAL B 61 19.46 0.67 -12.39
C VAL B 61 19.30 -0.07 -13.71
N ASP B 62 19.36 -1.40 -13.66
CA ASP B 62 19.36 -2.21 -14.88
C ASP B 62 18.30 -1.81 -15.91
N SER B 63 17.07 -1.66 -15.47
CA SER B 63 15.95 -1.41 -16.38
C SER B 63 16.10 -0.13 -17.22
N VAL B 64 17.07 0.72 -16.88
CA VAL B 64 17.26 1.98 -17.60
C VAL B 64 18.61 2.11 -18.28
N LYS B 65 19.49 1.13 -18.04
CA LYS B 65 20.80 1.13 -18.70
C LYS B 65 20.67 1.15 -20.21
N GLY B 66 21.36 2.08 -20.86
CA GLY B 66 21.30 2.22 -22.30
C GLY B 66 20.01 2.87 -22.75
N ARG B 67 19.32 3.51 -21.81
CA ARG B 67 18.03 4.12 -22.09
C ARG B 67 17.93 5.49 -21.43
N PHE B 68 18.46 5.59 -20.22
CA PHE B 68 18.51 6.87 -19.51
C PHE B 68 19.93 7.40 -19.44
N THR B 69 20.07 8.72 -19.48
CA THR B 69 21.37 9.36 -19.33
C THR B 69 21.31 10.46 -18.26
N ILE B 70 22.22 10.40 -17.31
CA ILE B 70 22.29 11.41 -16.27
C ILE B 70 23.44 12.38 -16.56
N SER B 71 23.18 13.67 -16.39
CA SER B 71 24.19 14.70 -16.60
C SER B 71 23.94 15.89 -15.69
N ARG B 72 24.95 16.77 -15.56
CA ARG B 72 24.82 17.93 -14.69
C ARG B 72 25.50 19.17 -15.26
N ASP B 73 24.87 20.32 -15.05
CA ASP B 73 25.44 21.61 -15.43
C ASP B 73 25.76 22.40 -14.16
N ASN B 74 27.01 22.33 -13.73
CA ASN B 74 27.42 22.95 -12.47
C ASN B 74 27.39 24.48 -12.48
N SER B 75 27.46 25.07 -13.66
CA SER B 75 27.42 26.52 -13.78
C SER B 75 26.09 27.05 -13.23
N LYS B 76 25.00 26.38 -13.57
CA LYS B 76 23.69 26.79 -13.07
C LYS B 76 23.09 25.74 -12.14
N ASN B 77 23.95 25.03 -11.42
CA ASN B 77 23.54 24.06 -10.39
C ASN B 77 22.32 23.23 -10.78
N THR B 78 22.40 22.53 -11.90
CA THR B 78 21.26 21.77 -12.40
C THR B 78 21.61 20.34 -12.81
N LEU B 79 20.79 19.39 -12.37
CA LEU B 79 20.95 18.00 -12.74
C LEU B 79 19.89 17.61 -13.77
N TYR B 80 20.28 16.78 -14.73
CA TYR B 80 19.38 16.37 -15.81
C TYR B 80 19.18 14.85 -15.87
N LEU B 81 18.09 14.43 -16.47
CA LEU B 81 17.86 13.01 -16.74
C LEU B 81 17.24 12.79 -18.12
N GLN B 82 18.03 12.25 -19.03
CA GLN B 82 17.54 11.90 -20.36
C GLN B 82 16.79 10.59 -20.31
N MET B 83 15.50 10.62 -20.63
CA MET B 83 14.69 9.41 -20.66
C MET B 83 14.27 9.08 -22.10
N ASN B 84 14.77 7.96 -22.61
CA ASN B 84 14.51 7.57 -23.98
C ASN B 84 13.67 6.31 -24.10
N ARG B 85 13.02 6.15 -25.25
CA ARG B 85 12.20 4.98 -25.53
C ARG B 85 11.35 4.61 -24.33
N LEU B 86 10.59 5.58 -23.83
CA LEU B 86 9.79 5.40 -22.62
C LEU B 86 8.79 4.25 -22.74
N ARG B 87 8.42 3.70 -21.59
CA ARG B 87 7.48 2.59 -21.53
C ARG B 87 6.71 2.60 -20.21
N ALA B 88 5.77 1.68 -20.05
CA ALA B 88 4.89 1.68 -18.89
C ALA B 88 5.62 1.72 -17.55
N GLU B 89 6.70 0.94 -17.45
CA GLU B 89 7.43 0.81 -16.19
C GLU B 89 8.10 2.12 -15.76
N ASP B 90 8.12 3.10 -16.64
CA ASP B 90 8.75 4.38 -16.35
C ASP B 90 7.77 5.35 -15.69
N THR B 91 6.48 5.03 -15.79
CA THR B 91 5.44 5.86 -15.17
C THR B 91 5.66 5.95 -13.66
N ALA B 92 6.00 7.14 -13.18
CA ALA B 92 6.28 7.33 -11.76
C ALA B 92 6.60 8.78 -11.43
N VAL B 93 6.73 9.07 -10.14
CA VAL B 93 7.23 10.36 -9.67
C VAL B 93 8.75 10.27 -9.57
N TYR B 94 9.45 11.25 -10.11
CA TYR B 94 10.91 11.21 -10.09
C TYR B 94 11.48 12.25 -9.13
N TYR B 95 12.25 11.77 -8.17
CA TYR B 95 12.93 12.66 -7.22
C TYR B 95 14.41 12.78 -7.55
N CYS B 96 15.04 13.85 -7.08
CA CYS B 96 16.48 13.99 -7.14
C CYS B 96 17.00 14.13 -5.72
N ALA B 97 18.11 13.47 -5.42
CA ALA B 97 18.63 13.48 -4.05
C ALA B 97 20.11 13.87 -4.00
N ARG B 98 20.54 14.31 -2.83
CA ARG B 98 21.92 14.72 -2.61
C ARG B 98 22.64 13.67 -1.78
N GLU B 99 23.91 13.44 -2.08
CA GLU B 99 24.73 12.53 -1.28
C GLU B 99 26.16 13.04 -1.18
N LYS B 100 26.70 12.99 0.02
CA LYS B 100 28.06 13.41 0.23
C LYS B 100 28.96 12.19 0.29
N ASP B 101 30.15 12.32 -0.26
CA ASP B 101 31.16 11.29 -0.12
C ASP B 101 32.39 11.89 0.56
N HIS B 102 33.38 11.04 0.83
CA HIS B 102 34.62 11.50 1.45
C HIS B 102 35.76 10.55 1.14
N TYR B 103 36.87 11.10 0.67
CA TYR B 103 38.06 10.29 0.39
C TYR B 103 39.06 10.39 1.52
N ASP B 104 39.36 9.25 2.14
CA ASP B 104 40.37 9.21 3.19
C ASP B 104 41.75 8.99 2.58
N ILE B 105 42.65 9.95 2.80
CA ILE B 105 43.97 9.92 2.20
C ILE B 105 44.85 8.79 2.73
N LEU B 106 44.92 8.65 4.05
CA LEU B 106 45.78 7.65 4.67
C LEU B 106 45.43 6.22 4.26
N THR B 107 44.13 5.93 4.35
CA THR B 107 43.53 4.67 3.90
C THR B 107 43.42 4.43 2.39
N GLY B 108 43.01 5.47 1.68
CA GLY B 108 42.60 5.37 0.28
C GLY B 108 41.14 5.00 0.06
N TYR B 109 40.38 4.87 1.14
CA TYR B 109 38.98 4.48 1.05
C TYR B 109 38.11 5.66 0.65
N ASN B 110 37.02 5.36 -0.05
CA ASN B 110 36.02 6.38 -0.35
C ASN B 110 34.75 6.09 0.43
N TYR B 111 34.32 7.02 1.27
CA TYR B 111 33.15 6.87 2.12
C TYR B 111 31.93 7.60 1.60
N TYR B 112 30.81 6.91 1.57
CA TYR B 112 29.55 7.51 1.14
C TYR B 112 28.54 7.53 2.29
N TYR B 113 27.75 8.59 2.35
CA TYR B 113 26.88 8.81 3.51
C TYR B 113 25.39 8.76 3.18
N GLY B 114 25.05 8.43 1.95
CA GLY B 114 23.67 8.25 1.55
C GLY B 114 22.95 9.53 1.17
N LEU B 115 21.67 9.39 0.85
CA LEU B 115 20.85 10.51 0.38
C LEU B 115 20.20 11.23 1.55
N ASP B 116 20.60 12.48 1.77
CA ASP B 116 20.15 13.23 2.93
C ASP B 116 19.10 14.30 2.61
N VAL B 117 19.10 14.78 1.37
CA VAL B 117 18.18 15.83 0.96
C VAL B 117 17.50 15.51 -0.38
N TRP B 118 16.17 15.59 -0.40
CA TRP B 118 15.40 15.28 -1.60
C TRP B 118 14.67 16.51 -2.11
N GLY B 119 14.05 16.38 -3.28
CA GLY B 119 13.18 17.40 -3.81
C GLY B 119 11.74 16.96 -3.69
N GLN B 120 10.79 17.85 -3.95
CA GLN B 120 9.37 17.50 -3.83
C GLN B 120 8.99 16.44 -4.87
N GLY B 121 9.63 16.52 -6.03
CA GLY B 121 9.40 15.55 -7.09
C GLY B 121 8.61 16.11 -8.26
N THR B 122 8.56 15.34 -9.34
CA THR B 122 7.79 15.72 -10.52
C THR B 122 7.30 14.46 -11.23
N THR B 123 6.04 14.50 -11.65
CA THR B 123 5.39 13.30 -12.19
C THR B 123 5.60 13.09 -13.68
N VAL B 124 5.89 11.85 -14.05
CA VAL B 124 5.99 11.47 -15.45
C VAL B 124 5.00 10.33 -15.76
N THR B 125 4.11 10.58 -16.70
CA THR B 125 3.10 9.59 -17.09
C THR B 125 3.23 9.21 -18.55
N VAL B 126 3.67 7.99 -18.81
CA VAL B 126 3.79 7.49 -20.17
C VAL B 126 2.53 6.75 -20.62
N SER B 127 1.84 7.33 -21.60
CA SER B 127 0.59 6.78 -22.11
C SER B 127 0.22 7.40 -23.44
N SER B 128 -0.58 6.71 -24.23
CA SER B 128 -0.99 7.22 -25.54
C SER B 128 -2.34 7.91 -25.45
N ALA B 129 -2.86 8.04 -24.23
CA ALA B 129 -4.15 8.67 -24.00
C ALA B 129 -4.09 10.17 -24.23
N SER B 130 -5.19 10.74 -24.72
CA SER B 130 -5.27 12.17 -24.95
C SER B 130 -6.09 12.84 -23.83
N THR B 131 -5.84 14.13 -23.63
CA THR B 131 -6.58 14.88 -22.62
C THR B 131 -8.08 14.74 -22.84
N LYS B 132 -8.80 14.32 -21.80
CA LYS B 132 -10.23 14.13 -21.91
C LYS B 132 -10.97 14.47 -20.61
N GLY B 133 -12.05 15.23 -20.74
CA GLY B 133 -12.88 15.58 -19.61
C GLY B 133 -13.77 14.41 -19.21
N PRO B 134 -14.07 14.30 -17.91
CA PRO B 134 -14.85 13.16 -17.41
C PRO B 134 -16.35 13.36 -17.63
N SER B 135 -17.04 12.25 -17.91
CA SER B 135 -18.50 12.25 -17.93
C SER B 135 -19.00 11.93 -16.53
N VAL B 136 -19.75 12.86 -15.95
CA VAL B 136 -20.18 12.73 -14.56
C VAL B 136 -21.55 12.08 -14.44
N PHE B 137 -21.59 10.90 -13.80
CA PHE B 137 -22.83 10.15 -13.64
C PHE B 137 -23.26 10.11 -12.17
N PRO B 138 -24.54 10.27 -11.91
CA PRO B 138 -25.10 10.22 -10.57
C PRO B 138 -25.22 8.83 -9.98
N LEU B 139 -25.09 8.71 -8.68
CA LEU B 139 -25.46 7.46 -8.03
C LEU B 139 -26.62 7.76 -7.12
N ALA B 140 -27.80 7.17 -7.35
CA ALA B 140 -28.92 7.57 -6.50
C ALA B 140 -29.03 6.81 -5.19
N PRO B 141 -29.58 7.49 -4.20
CA PRO B 141 -29.86 6.94 -2.88
C PRO B 141 -30.98 5.91 -2.87
N SER B 142 -31.02 5.13 -1.79
CA SER B 142 -32.24 4.44 -1.38
C SER B 142 -32.49 3.06 -1.98
N SER B 143 -31.66 2.64 -2.93
CA SER B 143 -31.61 1.23 -3.25
C SER B 143 -33.03 0.71 -3.40
N LYS B 144 -33.31 -0.37 -2.67
CA LYS B 144 -34.66 -0.88 -2.47
C LYS B 144 -35.58 -0.09 -1.55
N SER B 145 -35.06 0.43 -0.43
CA SER B 145 -35.94 0.83 0.67
C SER B 145 -36.18 2.34 0.72
N THR B 146 -36.69 2.82 1.85
CA THR B 146 -37.00 4.24 1.99
C THR B 146 -37.36 4.71 3.41
N SER B 147 -36.71 5.79 3.83
CA SER B 147 -37.13 6.60 4.97
C SER B 147 -36.78 6.04 6.36
N GLY B 148 -36.00 4.97 6.39
CA GLY B 148 -35.71 4.29 7.64
C GLY B 148 -34.56 4.88 8.46
N GLY B 149 -33.33 4.57 8.06
CA GLY B 149 -32.17 4.97 8.83
C GLY B 149 -31.22 5.90 8.09
N THR B 150 -30.07 5.38 7.69
CA THR B 150 -29.05 6.17 7.03
C THR B 150 -28.76 5.66 5.63
N ALA B 151 -28.47 6.58 4.71
CA ALA B 151 -28.29 6.23 3.31
C ALA B 151 -27.00 6.80 2.75
N ALA B 152 -26.67 6.39 1.52
CA ALA B 152 -25.43 6.82 0.88
C ALA B 152 -25.67 7.17 -0.59
N LEU B 153 -24.92 8.16 -1.06
CA LEU B 153 -25.00 8.58 -2.45
C LEU B 153 -23.65 9.15 -2.89
N GLY B 154 -23.56 9.60 -4.13
CA GLY B 154 -22.32 10.15 -4.64
C GLY B 154 -22.29 10.37 -6.14
N CYS B 155 -21.10 10.58 -6.69
CA CYS B 155 -20.93 10.79 -8.12
C CYS B 155 -19.87 9.87 -8.72
N LEU B 156 -20.12 9.40 -9.93
CA LEU B 156 -19.16 8.59 -10.66
C LEU B 156 -18.44 9.42 -11.72
N VAL B 157 -17.17 9.71 -11.47
CA VAL B 157 -16.35 10.47 -12.41
C VAL B 157 -15.60 9.49 -13.31
N LYS B 158 -16.11 9.30 -14.53
CA LYS B 158 -15.64 8.22 -15.39
C LYS B 158 -14.99 8.71 -16.69
N ASP B 159 -13.94 7.99 -17.11
CA ASP B 159 -13.30 8.22 -18.41
C ASP B 159 -12.74 9.63 -18.59
N TYR B 160 -11.76 9.98 -17.77
CA TYR B 160 -11.07 11.25 -17.92
C TYR B 160 -9.56 11.01 -18.01
N PHE B 161 -8.82 12.04 -18.41
CA PHE B 161 -7.38 11.95 -18.53
C PHE B 161 -6.75 13.30 -18.83
N PRO B 162 -5.65 13.64 -18.14
CA PRO B 162 -5.03 12.80 -17.11
C PRO B 162 -5.49 13.20 -15.72
N GLU B 163 -4.83 12.66 -14.69
CA GLU B 163 -5.07 13.08 -13.32
C GLU B 163 -4.57 14.52 -13.15
N PRO B 164 -5.03 15.20 -12.10
CA PRO B 164 -6.04 14.72 -11.15
C PRO B 164 -7.39 15.36 -11.41
N VAL B 165 -8.37 14.98 -10.59
CA VAL B 165 -9.68 15.63 -10.62
C VAL B 165 -10.13 15.90 -9.18
N THR B 166 -10.65 17.09 -8.95
CA THR B 166 -11.14 17.46 -7.63
C THR B 166 -12.67 17.35 -7.57
N VAL B 167 -13.17 16.72 -6.52
CA VAL B 167 -14.61 16.60 -6.33
C VAL B 167 -15.05 17.30 -5.06
N SER B 168 -16.16 18.01 -5.13
CA SER B 168 -16.71 18.71 -3.97
C SER B 168 -18.17 18.34 -3.80
N TRP B 169 -18.75 18.75 -2.67
CA TRP B 169 -20.16 18.49 -2.41
C TRP B 169 -20.87 19.74 -1.92
N ASN B 170 -21.88 20.17 -2.67
CA ASN B 170 -22.60 21.40 -2.36
C ASN B 170 -21.64 22.58 -2.28
N SER B 171 -20.70 22.64 -3.23
CA SER B 171 -19.72 23.71 -3.29
C SER B 171 -18.82 23.75 -2.06
N GLY B 172 -18.64 22.61 -1.40
CA GLY B 172 -17.77 22.52 -0.25
C GLY B 172 -18.50 22.58 1.09
N ALA B 173 -19.79 22.92 1.05
CA ALA B 173 -20.57 23.01 2.27
C ALA B 173 -20.67 21.68 3.00
N LEU B 174 -20.78 20.60 2.25
CA LEU B 174 -20.91 19.26 2.82
C LEU B 174 -19.57 18.54 2.85
N THR B 175 -19.05 18.31 4.06
CA THR B 175 -17.76 17.65 4.22
C THR B 175 -17.83 16.46 5.18
N SER B 176 -19.02 16.15 5.66
CA SER B 176 -19.20 15.06 6.61
C SER B 176 -19.67 13.77 5.94
N GLY B 177 -18.93 12.69 6.18
CA GLY B 177 -19.30 11.38 5.67
C GLY B 177 -18.93 11.17 4.22
N VAL B 178 -18.32 12.18 3.62
CA VAL B 178 -17.94 12.12 2.20
C VAL B 178 -16.62 11.39 1.98
N HIS B 179 -16.67 10.37 1.13
CA HIS B 179 -15.46 9.62 0.77
C HIS B 179 -15.16 9.75 -0.71
N THR B 180 -14.19 10.60 -1.05
CA THR B 180 -13.72 10.70 -2.42
C THR B 180 -12.60 9.68 -2.66
N PHE B 181 -12.92 8.63 -3.42
CA PHE B 181 -11.99 7.53 -3.64
C PHE B 181 -10.86 7.86 -4.60
N PRO B 182 -9.69 7.26 -4.37
CA PRO B 182 -8.57 7.37 -5.30
C PRO B 182 -8.92 6.77 -6.66
N ALA B 183 -8.54 7.45 -7.73
CA ALA B 183 -8.91 7.02 -9.07
C ALA B 183 -8.28 5.69 -9.47
N VAL B 184 -9.01 4.91 -10.27
CA VAL B 184 -8.49 3.67 -10.81
C VAL B 184 -8.21 3.84 -12.29
N LEU B 185 -7.16 3.19 -12.77
CA LEU B 185 -6.80 3.24 -14.17
C LEU B 185 -7.48 2.09 -14.93
N GLN B 186 -8.44 2.44 -15.77
CA GLN B 186 -9.21 1.45 -16.52
C GLN B 186 -8.38 0.83 -17.65
N SER B 187 -8.81 -0.35 -18.10
CA SER B 187 -8.11 -1.07 -19.16
C SER B 187 -7.98 -0.24 -20.43
N SER B 188 -8.88 0.73 -20.60
CA SER B 188 -8.87 1.58 -21.78
C SER B 188 -7.76 2.62 -21.70
N GLY B 189 -7.17 2.77 -20.52
CA GLY B 189 -6.12 3.75 -20.29
C GLY B 189 -6.67 5.05 -19.75
N LEU B 190 -7.99 5.10 -19.56
CA LEU B 190 -8.63 6.28 -18.97
C LEU B 190 -8.91 6.06 -17.50
N TYR B 191 -8.96 7.16 -16.75
CA TYR B 191 -9.19 7.11 -15.31
C TYR B 191 -10.68 7.18 -14.99
N SER B 192 -11.02 6.78 -13.78
CA SER B 192 -12.40 6.81 -13.30
C SER B 192 -12.42 6.70 -11.78
N LEU B 193 -13.02 7.69 -11.12
CA LEU B 193 -13.12 7.64 -9.67
C LEU B 193 -14.56 7.80 -9.20
N SER B 194 -14.81 7.41 -7.96
CA SER B 194 -16.12 7.56 -7.36
C SER B 194 -16.01 8.45 -6.13
N SER B 195 -16.93 9.41 -6.01
CA SER B 195 -17.01 10.25 -4.83
C SER B 195 -18.33 9.97 -4.13
N VAL B 196 -18.27 9.70 -2.83
CA VAL B 196 -19.46 9.28 -2.09
C VAL B 196 -19.60 10.00 -0.76
N VAL B 197 -20.84 10.06 -0.27
CA VAL B 197 -21.12 10.66 1.04
C VAL B 197 -22.32 9.98 1.68
N THR B 198 -22.27 9.82 3.00
CA THR B 198 -23.38 9.21 3.74
C THR B 198 -24.18 10.28 4.45
N VAL B 199 -25.51 10.18 4.37
CA VAL B 199 -26.40 11.15 4.98
C VAL B 199 -27.57 10.46 5.67
N PRO B 200 -28.20 11.15 6.63
CA PRO B 200 -29.42 10.62 7.25
C PRO B 200 -30.53 10.50 6.21
N SER B 201 -31.17 9.33 6.15
CA SER B 201 -32.17 9.06 5.12
C SER B 201 -33.30 10.08 5.10
N SER B 202 -33.42 10.86 6.19
CA SER B 202 -34.48 11.85 6.29
C SER B 202 -34.17 13.09 5.47
N SER B 203 -32.88 13.38 5.31
CA SER B 203 -32.44 14.58 4.60
C SER B 203 -32.81 14.53 3.12
N LEU B 204 -33.31 13.38 2.68
CA LEU B 204 -33.78 13.23 1.31
C LEU B 204 -35.15 13.88 1.14
N GLY B 205 -35.33 14.59 0.03
CA GLY B 205 -36.59 15.28 -0.24
C GLY B 205 -36.48 16.77 0.06
N THR B 206 -35.66 17.11 1.05
CA THR B 206 -35.45 18.49 1.42
C THR B 206 -34.09 18.99 0.93
N GLN B 207 -33.03 18.32 1.37
CA GLN B 207 -31.67 18.72 1.03
C GLN B 207 -31.34 18.40 -0.43
N THR B 208 -30.61 19.31 -1.07
CA THR B 208 -30.17 19.12 -2.44
C THR B 208 -28.68 18.80 -2.46
N TYR B 209 -28.33 17.68 -3.08
CA TYR B 209 -26.94 17.23 -3.11
C TYR B 209 -26.32 17.38 -4.49
N ILE B 210 -25.30 18.23 -4.58
CA ILE B 210 -24.62 18.47 -5.85
C ILE B 210 -23.11 18.23 -5.73
N CYS B 211 -22.60 17.31 -6.54
CA CYS B 211 -21.16 17.08 -6.58
C CYS B 211 -20.51 18.03 -7.57
N ASN B 212 -19.36 18.60 -7.18
CA ASN B 212 -18.67 19.57 -8.02
C ASN B 212 -17.36 19.01 -8.55
N VAL B 213 -17.41 18.50 -9.77
CA VAL B 213 -16.24 17.87 -10.39
C VAL B 213 -15.43 18.87 -11.19
N ASN B 214 -14.13 18.92 -10.92
CA ASN B 214 -13.23 19.84 -11.61
C ASN B 214 -12.03 19.13 -12.22
N HIS B 215 -11.96 19.13 -13.54
CA HIS B 215 -10.81 18.55 -14.25
C HIS B 215 -10.06 19.65 -14.99
N LYS B 216 -9.04 20.18 -14.33
CA LYS B 216 -8.23 21.27 -14.87
C LYS B 216 -7.67 21.03 -16.28
N PRO B 217 -7.02 19.88 -16.50
CA PRO B 217 -6.33 19.63 -17.77
C PRO B 217 -7.19 19.90 -19.00
N SER B 218 -8.46 19.49 -18.97
CA SER B 218 -9.36 19.68 -20.11
C SER B 218 -10.21 20.93 -19.93
N ASN B 219 -9.87 21.74 -18.94
CA ASN B 219 -10.68 22.89 -18.58
C ASN B 219 -12.15 22.50 -18.46
N THR B 220 -12.39 21.41 -17.75
CA THR B 220 -13.74 20.89 -17.58
C THR B 220 -14.24 21.08 -16.15
N LYS B 221 -15.35 21.80 -16.01
CA LYS B 221 -15.95 22.03 -14.71
C LYS B 221 -17.42 21.66 -14.73
N VAL B 222 -17.79 20.63 -13.98
CA VAL B 222 -19.16 20.12 -14.00
C VAL B 222 -19.79 20.08 -12.61
N ASP B 223 -21.04 20.55 -12.52
CA ASP B 223 -21.81 20.47 -11.30
C ASP B 223 -23.03 19.57 -11.53
N LYS B 224 -23.10 18.49 -10.77
CA LYS B 224 -24.14 17.48 -10.98
C LYS B 224 -25.07 17.32 -9.78
N LYS B 225 -26.37 17.39 -10.03
CA LYS B 225 -27.37 17.18 -8.99
C LYS B 225 -27.60 15.68 -8.79
N VAL B 226 -27.78 15.26 -7.54
CA VAL B 226 -28.04 13.87 -7.23
C VAL B 226 -29.41 13.69 -6.57
N GLU B 227 -30.34 13.10 -7.31
CA GLU B 227 -31.71 12.93 -6.82
C GLU B 227 -32.09 11.46 -6.76
N PRO B 228 -33.05 11.11 -5.89
CA PRO B 228 -33.56 9.75 -5.74
C PRO B 228 -34.24 9.26 -7.02
N LYS B 229 -34.41 7.94 -7.14
CA LYS B 229 -35.06 7.36 -8.30
C LYS B 229 -36.49 6.92 -7.99
N SER B 230 -37.10 6.24 -8.94
CA SER B 230 -38.50 5.83 -8.81
C SER B 230 -38.67 4.32 -8.84
N CYS B 231 -38.87 3.78 -10.04
CA CYS B 231 -39.09 2.34 -10.21
C CYS B 231 -40.21 1.84 -9.31
N VAL C 1 8.59 -53.55 8.60
CA VAL C 1 8.85 -53.31 10.01
C VAL C 1 7.94 -52.20 10.54
N MET C 2 6.80 -52.59 11.11
CA MET C 2 5.84 -51.63 11.60
C MET C 2 6.34 -50.89 12.83
N ASP C 3 6.26 -49.56 12.79
CA ASP C 3 6.58 -48.72 13.93
C ASP C 3 5.35 -47.89 14.27
N PHE C 4 4.55 -48.40 15.21
CA PHE C 4 3.27 -47.77 15.56
C PHE C 4 3.39 -46.33 16.02
N LEU C 5 4.47 -46.02 16.74
CA LEU C 5 4.70 -44.65 17.18
C LEU C 5 4.96 -43.73 15.99
N PHE C 6 5.82 -44.17 15.09
CA PHE C 6 6.15 -43.41 13.89
C PHE C 6 4.91 -43.15 13.04
N GLU C 7 4.09 -44.18 12.88
CA GLU C 7 2.89 -44.07 12.06
C GLU C 7 1.91 -43.05 12.63
N LYS C 8 1.82 -42.99 13.95
CA LYS C 8 0.96 -42.02 14.61
C LYS C 8 1.58 -40.63 14.55
N TRP C 9 2.91 -40.57 14.60
CA TRP C 9 3.64 -39.32 14.49
C TRP C 9 3.46 -38.71 13.11
N LYS C 10 3.57 -39.55 12.09
CA LYS C 10 3.36 -39.11 10.71
C LYS C 10 1.93 -38.61 10.54
N LEU C 11 1.01 -39.20 11.30
CA LEU C 11 -0.40 -38.80 11.24
C LEU C 11 -0.58 -37.39 11.78
N TYR C 12 -0.02 -37.11 12.95
CA TYR C 12 -0.13 -35.80 13.55
C TYR C 12 0.48 -34.79 12.59
N GLY C 13 1.60 -35.10 12.03
CA GLY C 13 2.20 -34.14 11.14
C GLY C 13 1.32 -33.84 9.95
N ASP C 14 0.70 -34.87 9.40
CA ASP C 14 -0.13 -34.73 8.23
C ASP C 14 -1.30 -33.84 8.57
N GLN C 15 -1.84 -34.07 9.75
CA GLN C 15 -2.96 -33.29 10.22
C GLN C 15 -2.59 -31.83 10.38
N CYS C 16 -1.47 -31.52 11.00
CA CYS C 16 -1.08 -30.15 11.21
C CYS C 16 -0.82 -29.37 9.92
N HIS C 17 -0.23 -30.01 8.94
CA HIS C 17 0.15 -29.33 7.71
C HIS C 17 -1.06 -28.83 6.97
N HIS C 18 -2.12 -29.63 6.99
CA HIS C 18 -3.32 -29.20 6.36
C HIS C 18 -4.06 -28.04 7.04
N ASN C 19 -4.22 -28.18 8.36
CA ASN C 19 -5.01 -27.29 9.19
C ASN C 19 -4.46 -25.89 9.10
N LEU C 20 -3.14 -25.82 8.96
CA LEU C 20 -2.41 -24.60 8.69
C LEU C 20 -2.47 -24.31 7.20
N SER C 21 -3.06 -25.26 6.45
CA SER C 21 -3.35 -25.09 5.03
C SER C 21 -4.42 -24.04 4.71
N LEU C 22 -5.50 -24.07 5.49
CA LEU C 22 -6.58 -23.09 5.42
C LEU C 22 -6.28 -21.70 5.97
N LEU C 23 -5.59 -21.62 7.11
CA LEU C 23 -5.52 -20.37 7.83
C LEU C 23 -4.91 -19.28 6.95
N PRO C 24 -5.59 -18.13 6.96
CA PRO C 24 -5.31 -16.99 6.09
C PRO C 24 -4.05 -16.22 6.51
N PRO C 25 -3.45 -15.49 5.56
CA PRO C 25 -2.22 -14.72 5.79
C PRO C 25 -2.31 -13.80 7.00
N PRO C 26 -1.16 -13.51 7.64
CA PRO C 26 -1.08 -12.65 8.81
C PRO C 26 -1.14 -11.17 8.44
N THR C 27 -1.62 -10.34 9.36
CA THR C 27 -1.75 -8.91 9.10
C THR C 27 -0.67 -8.11 9.80
N GLU C 28 0.24 -8.80 10.48
CA GLU C 28 1.29 -8.13 11.23
C GLU C 28 2.56 -8.97 11.32
N LEU C 29 3.60 -8.40 11.94
CA LEU C 29 4.87 -9.10 12.12
C LEU C 29 4.66 -10.37 12.95
N VAL C 30 4.92 -11.52 12.33
CA VAL C 30 4.66 -12.79 12.98
C VAL C 30 5.81 -13.79 12.81
N CYS C 31 5.61 -14.99 13.33
CA CYS C 31 6.48 -16.11 13.05
C CYS C 31 5.68 -17.13 12.25
N ASN C 32 6.05 -17.31 10.99
CA ASN C 32 5.31 -18.20 10.10
C ASN C 32 4.90 -19.51 10.76
N ARG C 33 3.65 -19.91 10.53
CA ARG C 33 3.15 -21.19 11.02
C ARG C 33 4.12 -22.28 10.59
N THR C 34 4.08 -23.42 11.27
CA THR C 34 4.98 -24.51 10.96
C THR C 34 4.71 -25.77 11.76
N PHE C 35 5.18 -26.89 11.22
CA PHE C 35 5.26 -28.13 11.97
C PHE C 35 6.73 -28.34 12.32
N ASP C 36 7.10 -28.05 13.57
CA ASP C 36 8.49 -28.15 13.99
C ASP C 36 8.87 -29.58 14.37
N LYS C 37 8.16 -30.55 13.83
CA LYS C 37 8.50 -31.95 13.98
C LYS C 37 7.94 -32.48 15.28
N TYR C 38 7.46 -31.58 16.11
CA TYR C 38 6.85 -31.96 17.39
C TYR C 38 5.39 -31.56 17.46
N SER C 39 5.10 -30.30 17.23
CA SER C 39 3.75 -29.79 17.33
C SER C 39 3.47 -28.85 16.20
N CYS C 40 2.20 -28.63 15.88
CA CYS C 40 1.86 -27.66 14.85
C CYS C 40 1.54 -26.31 15.48
N TRP C 41 2.22 -25.29 15.03
CA TRP C 41 2.06 -23.96 15.54
C TRP C 41 1.54 -23.05 14.45
N PRO C 42 0.64 -22.17 14.86
CA PRO C 42 0.04 -21.19 13.96
C PRO C 42 0.95 -19.98 13.78
N ASP C 43 0.50 -18.99 13.00
CA ASP C 43 1.24 -17.75 12.87
C ASP C 43 1.22 -17.02 14.21
N THR C 44 2.41 -16.83 14.78
CA THR C 44 2.53 -16.24 16.11
C THR C 44 3.13 -14.83 16.06
N PRO C 45 2.43 -13.85 16.65
CA PRO C 45 2.90 -12.46 16.69
C PRO C 45 4.26 -12.35 17.38
N ALA C 46 5.09 -11.43 16.90
CA ALA C 46 6.45 -11.30 17.42
C ALA C 46 6.46 -10.97 18.90
N ASN C 47 7.52 -11.41 19.58
CA ASN C 47 7.72 -11.11 21.00
C ASN C 47 6.71 -11.79 21.92
N THR C 48 6.13 -12.89 21.46
CA THR C 48 5.14 -13.61 22.24
C THR C 48 5.43 -15.11 22.28
N THR C 49 4.98 -15.76 23.35
CA THR C 49 5.16 -17.20 23.50
C THR C 49 3.86 -17.93 23.20
N ALA C 50 3.93 -18.93 22.32
CA ALA C 50 2.76 -19.69 21.94
C ALA C 50 2.66 -20.99 22.76
N ASN C 51 1.44 -21.46 22.96
CA ASN C 51 1.15 -22.68 23.70
C ASN C 51 0.37 -23.68 22.87
N ILE C 52 0.49 -24.95 23.21
CA ILE C 52 -0.27 -26.01 22.56
C ILE C 52 -0.43 -27.18 23.53
N SER C 53 -1.56 -27.88 23.44
CA SER C 53 -1.76 -29.09 24.22
C SER C 53 -0.78 -30.17 23.75
N CYS C 54 -0.24 -30.92 24.70
CA CYS C 54 0.73 -31.98 24.37
C CYS C 54 0.21 -32.85 23.23
N PRO C 55 1.09 -33.17 22.27
CA PRO C 55 0.71 -33.94 21.07
C PRO C 55 0.10 -35.29 21.42
N TRP C 56 -0.90 -35.71 20.65
CA TRP C 56 -1.63 -36.94 20.94
C TRP C 56 -0.90 -38.21 20.49
N TYR C 57 0.17 -38.07 19.72
CA TYR C 57 0.93 -39.24 19.29
C TYR C 57 1.77 -39.79 20.44
N LEU C 58 1.96 -38.98 21.47
CA LEU C 58 2.65 -39.41 22.67
C LEU C 58 1.89 -40.56 23.35
N PRO C 59 2.61 -41.61 23.73
CA PRO C 59 2.02 -42.80 24.36
C PRO C 59 1.37 -42.48 25.70
N TRP C 60 1.87 -41.46 26.39
CA TRP C 60 1.34 -41.07 27.69
C TRP C 60 0.48 -39.81 27.58
N HIS C 61 -0.08 -39.59 26.40
CA HIS C 61 -0.88 -38.39 26.15
C HIS C 61 -2.13 -38.34 27.02
N HIS C 62 -2.47 -39.46 27.64
CA HIS C 62 -3.65 -39.50 28.51
C HIS C 62 -3.29 -38.99 29.90
N LYS C 63 -2.00 -38.90 30.19
CA LYS C 63 -1.54 -38.41 31.47
C LYS C 63 -1.05 -36.96 31.38
N VAL C 64 -0.74 -36.52 30.17
CA VAL C 64 -0.27 -35.16 29.94
C VAL C 64 -1.20 -34.39 29.03
N GLN C 65 -2.40 -34.91 28.82
CA GLN C 65 -3.39 -34.31 27.93
C GLN C 65 -3.73 -32.89 28.35
N HIS C 66 -3.57 -32.60 29.64
CA HIS C 66 -3.94 -31.31 30.19
C HIS C 66 -2.75 -30.35 30.27
N ARG C 67 -1.58 -30.84 29.84
CA ARG C 67 -0.37 -30.03 29.88
C ARG C 67 -0.19 -29.26 28.57
N PHE C 68 0.86 -28.44 28.51
CA PHE C 68 1.12 -27.61 27.33
C PHE C 68 2.57 -27.62 26.91
N VAL C 69 2.80 -27.46 25.62
CA VAL C 69 4.15 -27.23 25.09
C VAL C 69 4.23 -25.79 24.62
N PHE C 70 5.38 -25.15 24.84
CA PHE C 70 5.53 -23.74 24.51
C PHE C 70 6.59 -23.50 23.44
N LYS C 71 6.39 -22.47 22.63
CA LYS C 71 7.35 -22.10 21.60
C LYS C 71 7.43 -20.58 21.51
N ARG C 72 8.63 -20.04 21.75
CA ARG C 72 8.82 -18.60 21.78
C ARG C 72 9.03 -17.99 20.39
N CYS C 73 8.35 -16.88 20.14
CA CYS C 73 8.58 -16.11 18.92
C CYS C 73 9.33 -14.84 19.27
N GLY C 74 10.52 -14.68 18.70
CA GLY C 74 11.38 -13.55 19.02
C GLY C 74 10.90 -12.23 18.43
N PRO C 75 11.38 -11.11 18.99
CA PRO C 75 11.05 -9.77 18.52
C PRO C 75 11.44 -9.57 17.06
N ASP C 76 12.37 -10.40 16.58
CA ASP C 76 12.78 -10.36 15.18
C ASP C 76 11.60 -10.74 14.28
N GLY C 77 10.78 -11.67 14.77
CA GLY C 77 9.74 -12.27 13.96
C GLY C 77 10.18 -13.66 13.55
N GLN C 78 11.18 -14.16 14.26
CA GLN C 78 11.77 -15.47 13.97
C GLN C 78 11.61 -16.41 15.16
N TRP C 79 11.29 -17.66 14.86
CA TRP C 79 11.09 -18.69 15.87
C TRP C 79 12.46 -18.92 16.48
N VAL C 80 12.49 -19.53 17.67
CA VAL C 80 13.73 -19.78 18.42
C VAL C 80 14.52 -21.02 18.03
N ARG C 81 15.79 -20.79 17.75
CA ARG C 81 16.70 -21.84 17.31
C ARG C 81 17.51 -22.33 18.50
N GLY C 82 17.68 -23.64 18.55
CA GLY C 82 18.41 -24.30 19.61
C GLY C 82 19.86 -24.09 19.29
N PRO C 83 20.78 -24.76 20.11
CA PRO C 83 22.17 -24.40 19.83
C PRO C 83 22.53 -24.69 18.38
N ARG C 84 22.01 -25.78 17.81
CA ARG C 84 22.43 -26.16 16.46
C ARG C 84 21.49 -25.63 15.38
N GLY C 85 20.59 -24.74 15.77
CA GLY C 85 19.70 -24.09 14.83
C GLY C 85 18.44 -24.88 14.52
N GLN C 86 18.22 -25.97 15.24
CA GLN C 86 17.05 -26.80 15.01
C GLN C 86 15.80 -26.23 15.69
N PRO C 87 14.61 -26.70 15.30
CA PRO C 87 13.37 -26.30 15.95
C PRO C 87 13.47 -26.45 17.46
N TRP C 88 13.13 -25.40 18.19
CA TRP C 88 13.32 -25.37 19.64
C TRP C 88 11.98 -25.11 20.33
N ARG C 89 11.82 -25.65 21.54
CA ARG C 89 10.56 -25.52 22.27
C ARG C 89 10.66 -25.99 23.70
N ASP C 90 9.62 -25.73 24.48
CA ASP C 90 9.55 -26.17 25.86
C ASP C 90 8.48 -27.25 26.01
N ALA C 91 8.91 -28.51 26.01
CA ALA C 91 7.99 -29.64 26.11
C ALA C 91 8.17 -30.38 27.43
N SER C 92 8.67 -29.67 28.44
CA SER C 92 8.92 -30.27 29.75
C SER C 92 7.64 -30.85 30.36
N GLN C 93 6.53 -30.14 30.19
CA GLN C 93 5.25 -30.60 30.72
C GLN C 93 4.84 -31.93 30.08
N CYS C 94 5.24 -32.11 28.82
CA CYS C 94 4.78 -33.24 28.02
C CYS C 94 5.68 -34.47 28.16
N GLN C 95 6.87 -34.28 28.69
CA GLN C 95 7.82 -35.38 28.84
C GLN C 95 7.33 -36.43 29.85
N MET C 96 7.90 -37.63 29.77
CA MET C 96 7.51 -38.72 30.65
C MET C 96 8.07 -38.53 32.06
#